data_5MFP
#
_entry.id   5MFP
#
_cell.length_a   91.380
_cell.length_b   91.380
_cell.length_c   144.148
_cell.angle_alpha   90.00
_cell.angle_beta   90.00
_cell.angle_gamma   120.00
#
_symmetry.space_group_name_H-M   'P 63'
#
loop_
_entity.id
_entity.type
_entity.pdbx_description
1 polymer 'NAD-dependent protein deacetylase sirtuin-6'
2 non-polymer '[(2R,3S,4R,5R)-5-(6-AMINOPURIN-9-YL)-3,4-DIHYDROXY-OXOLAN-2-YL]METHYL [HYDROXY-[[(2R,3S,4R,5S)-3,4,5-TRIHYDROXYOXOLAN-2-YL]METHOXY]PHOSPHORYL] HYDROGEN PHOSPHATE'
3 non-polymer 'ZINC ION'
4 non-polymer 'SULFATE ION'
5 non-polymer 1,2-ETHANEDIOL
6 non-polymer 'TETRAETHYLENE GLYCOL'
7 non-polymer 4-pyridin-3-ylpyrrolo[1,2-a]quinoxaline
8 non-polymer 'TRIETHYLENE GLYCOL'
9 water water
#
_entity_poly.entity_id   1
_entity_poly.type   'polypeptide(L)'
_entity_poly.pdbx_seq_one_letter_code
;GIDPFTADKGKCGLPEIFDPPEELERKVWELARLVWQSSSVVFHTGAGISTASGIPDFRGPHGVWTMEERGLAPKFDTTF
ESARPTQTHMALVQLERVGLLRFLVSQNVDGLHVRSGFPRDKLAELHGNMFVEECAKCKTQYVRDTVVGTMGLKATGRLC
TVAKARGLRACRGELRDTILDWEDSLPDRDLALADEASRNADLSITLGTSLQIRPSGNLPLATKRRGGRLVIVNLQPTKH
DRHADLRIHGYVDEVMTRLMKHLGLEIPAWDGPRVLERALPPLPRPPTPKLEPKEESPTRIN
;
_entity_poly.pdbx_strand_id   A,B
#
# COMPACT_ATOMS: atom_id res chain seq x y z
N PRO A 4 28.26 -7.38 -13.88
CA PRO A 4 27.71 -6.58 -12.73
C PRO A 4 27.16 -5.17 -13.12
N PHE A 5 27.95 -4.43 -13.87
CA PHE A 5 27.50 -3.21 -14.55
C PHE A 5 26.90 -3.62 -15.89
N THR A 6 27.41 -4.73 -16.47
CA THR A 6 26.83 -5.32 -17.70
C THR A 6 25.98 -6.61 -17.46
N ALA A 7 25.66 -6.94 -16.20
CA ALA A 7 24.72 -8.04 -15.89
C ALA A 7 23.49 -7.89 -16.77
N ASP A 8 22.99 -8.98 -17.38
CA ASP A 8 21.75 -8.89 -18.23
C ASP A 8 20.49 -8.62 -17.39
N LYS A 9 19.83 -7.49 -17.61
CA LYS A 9 18.67 -7.11 -16.79
C LYS A 9 17.36 -7.57 -17.41
N GLY A 10 17.40 -8.22 -18.58
CA GLY A 10 16.20 -8.80 -19.18
C GLY A 10 15.38 -7.80 -19.90
N LYS A 11 14.12 -8.14 -20.17
CA LYS A 11 13.24 -7.34 -20.93
C LYS A 11 12.47 -6.43 -19.99
N CYS A 12 12.63 -5.15 -20.16
CA CYS A 12 12.23 -4.16 -19.14
C CYS A 12 11.22 -3.32 -19.80
N GLY A 13 10.17 -2.92 -19.10
CA GLY A 13 9.16 -1.96 -19.67
C GLY A 13 8.19 -2.43 -20.74
N LEU A 14 7.88 -3.73 -20.82
CA LEU A 14 6.94 -4.22 -21.80
C LEU A 14 5.55 -3.69 -21.43
N PRO A 15 4.67 -3.52 -22.45
CA PRO A 15 3.34 -2.98 -22.24
C PRO A 15 2.56 -3.82 -21.22
N GLU A 16 1.78 -3.15 -20.45
CA GLU A 16 0.83 -3.83 -19.54
C GLU A 16 -0.39 -4.28 -20.28
N ILE A 17 -0.98 -5.38 -19.86
CA ILE A 17 -2.23 -5.89 -20.38
C ILE A 17 -3.31 -5.84 -19.28
N PHE A 18 -4.51 -5.44 -19.61
CA PHE A 18 -5.66 -5.44 -18.67
C PHE A 18 -6.76 -6.32 -19.19
N ASP A 19 -6.99 -7.48 -18.59
CA ASP A 19 -8.18 -8.25 -18.95
C ASP A 19 -9.40 -7.38 -18.67
N PRO A 20 -10.39 -7.37 -19.58
CA PRO A 20 -11.59 -6.59 -19.30
C PRO A 20 -12.46 -7.25 -18.16
N PRO A 21 -13.38 -6.49 -17.57
CA PRO A 21 -14.03 -6.84 -16.27
C PRO A 21 -14.72 -8.25 -16.25
N GLU A 22 -15.44 -8.58 -17.30
CA GLU A 22 -16.12 -9.84 -17.37
C GLU A 22 -15.19 -11.00 -17.61
N GLU A 23 -14.13 -10.79 -18.41
CA GLU A 23 -13.11 -11.78 -18.57
C GLU A 23 -12.30 -12.03 -17.29
N LEU A 24 -11.96 -10.95 -16.64
CA LEU A 24 -11.28 -11.02 -15.36
C LEU A 24 -12.07 -11.82 -14.31
N GLU A 25 -13.35 -11.50 -14.20
CA GLU A 25 -14.23 -12.31 -13.30
C GLU A 25 -14.31 -13.80 -13.66
N ARG A 26 -14.46 -14.11 -14.92
CA ARG A 26 -14.47 -15.50 -15.34
C ARG A 26 -13.19 -16.19 -15.00
N LYS A 27 -12.08 -15.54 -15.27
CA LYS A 27 -10.81 -16.20 -15.03
C LYS A 27 -10.58 -16.41 -13.50
N VAL A 28 -10.99 -15.46 -12.67
CA VAL A 28 -10.80 -15.60 -11.21
C VAL A 28 -11.73 -16.70 -10.69
N TRP A 29 -12.90 -16.85 -11.28
CA TRP A 29 -13.72 -18.06 -10.97
C TRP A 29 -13.00 -19.37 -11.32
N GLU A 30 -12.37 -19.41 -12.48
CA GLU A 30 -11.65 -20.58 -12.88
C GLU A 30 -10.45 -20.89 -11.99
N LEU A 31 -9.72 -19.86 -11.53
CA LEU A 31 -8.66 -20.03 -10.55
C LEU A 31 -9.22 -20.66 -9.23
N ALA A 32 -10.35 -20.18 -8.76
CA ALA A 32 -11.00 -20.78 -7.54
C ALA A 32 -11.25 -22.21 -7.79
N ARG A 33 -11.75 -22.52 -8.99
CA ARG A 33 -12.00 -23.90 -9.37
C ARG A 33 -10.77 -24.72 -9.37
N LEU A 34 -9.64 -24.20 -9.87
CA LEU A 34 -8.39 -24.94 -9.77
C LEU A 34 -7.88 -25.07 -8.37
N VAL A 35 -8.09 -24.07 -7.51
CA VAL A 35 -7.64 -24.20 -6.16
C VAL A 35 -8.45 -25.34 -5.49
N TRP A 36 -9.77 -25.36 -5.67
CA TRP A 36 -10.64 -26.38 -5.12
C TRP A 36 -10.18 -27.78 -5.52
N GLN A 37 -9.75 -27.99 -6.75
CA GLN A 37 -9.36 -29.34 -7.25
C GLN A 37 -8.02 -29.83 -6.86
N SER A 38 -7.18 -28.95 -6.34
CA SER A 38 -5.82 -29.29 -6.22
C SER A 38 -5.48 -29.83 -4.85
N SER A 39 -4.61 -30.81 -4.79
CA SER A 39 -4.13 -31.36 -3.53
C SER A 39 -3.03 -30.48 -2.92
N SER A 40 -2.21 -29.88 -3.78
CA SER A 40 -0.97 -29.29 -3.34
C SER A 40 -0.69 -28.02 -4.18
N VAL A 41 -0.86 -26.85 -3.53
CA VAL A 41 -0.82 -25.53 -4.24
C VAL A 41 0.42 -24.76 -3.74
N VAL A 42 1.28 -24.35 -4.67
CA VAL A 42 2.43 -23.58 -4.44
C VAL A 42 2.29 -22.22 -5.13
N PHE A 43 2.65 -21.18 -4.36
CA PHE A 43 2.63 -19.81 -4.83
C PHE A 43 4.05 -19.41 -5.03
N HIS A 44 4.25 -18.65 -6.10
CA HIS A 44 5.50 -18.04 -6.46
C HIS A 44 5.33 -16.50 -6.58
N THR A 45 6.01 -15.73 -5.76
CA THR A 45 5.79 -14.28 -5.79
C THR A 45 7.07 -13.51 -6.22
N GLY A 46 6.85 -12.43 -6.97
CA GLY A 46 7.82 -11.42 -7.19
C GLY A 46 7.40 -10.04 -6.90
N ALA A 47 8.20 -9.08 -7.43
CA ALA A 47 8.20 -7.71 -6.98
C ALA A 47 6.91 -6.97 -7.19
N GLY A 48 6.14 -7.52 -8.10
CA GLY A 48 4.81 -7.02 -8.43
C GLY A 48 3.82 -7.10 -7.23
N ILE A 49 3.98 -8.03 -6.29
CA ILE A 49 3.04 -8.06 -5.11
C ILE A 49 3.28 -6.94 -4.09
N SER A 50 4.37 -6.15 -4.25
CA SER A 50 4.67 -5.14 -3.28
C SER A 50 4.51 -3.72 -3.80
N THR A 51 4.30 -3.60 -5.08
CA THR A 51 4.10 -2.30 -5.67
C THR A 51 2.96 -1.48 -5.05
N ALA A 52 1.90 -2.15 -4.65
CA ALA A 52 0.77 -1.48 -3.94
C ALA A 52 1.02 -1.08 -2.53
N SER A 53 2.19 -1.41 -2.01
CA SER A 53 2.72 -0.82 -0.73
C SER A 53 3.79 0.26 -0.84
N GLY A 54 4.04 0.71 -2.10
CA GLY A 54 5.00 1.74 -2.40
C GLY A 54 6.39 1.34 -2.83
N ILE A 55 6.65 0.02 -2.96
CA ILE A 55 7.93 -0.49 -3.37
C ILE A 55 7.91 -0.72 -4.84
N PRO A 56 8.84 -0.07 -5.57
CA PRO A 56 8.75 -0.27 -6.99
C PRO A 56 9.21 -1.73 -7.44
N ASP A 57 8.76 -2.19 -8.60
CA ASP A 57 9.21 -3.53 -9.06
C ASP A 57 10.55 -3.26 -9.82
N PHE A 58 10.98 -4.26 -10.61
CA PHE A 58 12.18 -4.16 -11.38
C PHE A 58 11.97 -3.80 -12.85
N ARG A 59 10.95 -4.41 -13.47
CA ARG A 59 10.81 -4.48 -14.92
C ARG A 59 9.51 -3.99 -15.42
N GLY A 60 8.72 -3.41 -14.51
CA GLY A 60 7.46 -2.74 -14.80
C GLY A 60 7.73 -1.35 -15.46
N PRO A 61 6.67 -0.65 -15.86
CA PRO A 61 6.95 0.60 -16.61
C PRO A 61 7.71 1.57 -15.79
N HIS A 62 7.53 1.55 -14.46
CA HIS A 62 8.38 2.38 -13.59
C HIS A 62 9.31 1.63 -12.65
N GLY A 63 9.69 0.44 -13.09
CA GLY A 63 10.61 -0.35 -12.36
C GLY A 63 12.02 0.12 -12.33
N VAL A 64 12.75 -0.45 -11.39
CA VAL A 64 14.09 -0.06 -11.04
C VAL A 64 14.97 -0.13 -12.31
N TRP A 65 15.00 -1.30 -12.95
CA TRP A 65 15.83 -1.47 -14.16
C TRP A 65 15.25 -0.75 -15.38
N THR A 66 13.92 -0.73 -15.54
CA THR A 66 13.28 0.05 -16.59
C THR A 66 13.67 1.54 -16.56
N MET A 67 13.57 2.14 -15.40
CA MET A 67 13.89 3.56 -15.22
C MET A 67 15.40 3.82 -15.41
N GLU A 68 16.22 2.93 -14.92
CA GLU A 68 17.65 3.03 -15.20
C GLU A 68 17.99 3.07 -16.75
N GLU A 69 17.33 2.21 -17.52
CA GLU A 69 17.46 2.13 -18.97
C GLU A 69 17.07 3.45 -19.59
N ARG A 70 16.10 4.14 -19.03
CA ARG A 70 15.75 5.47 -19.53
C ARG A 70 16.50 6.61 -18.88
N GLY A 71 17.54 6.37 -18.11
CA GLY A 71 18.16 7.44 -17.37
C GLY A 71 17.32 8.14 -16.26
N LEU A 72 16.30 7.48 -15.70
CA LEU A 72 15.49 8.07 -14.60
C LEU A 72 15.68 7.20 -13.38
N ALA A 73 15.07 7.59 -12.27
CA ALA A 73 15.28 6.91 -10.95
C ALA A 73 13.99 6.21 -10.59
N PRO A 74 14.09 5.04 -9.93
CA PRO A 74 12.83 4.51 -9.42
C PRO A 74 12.31 5.39 -8.26
N LYS A 75 11.03 5.27 -7.93
CA LYS A 75 10.47 6.03 -6.84
C LYS A 75 9.94 5.07 -5.74
N PHE A 76 10.39 5.28 -4.51
CA PHE A 76 9.79 4.61 -3.32
C PHE A 76 8.75 5.49 -2.61
N ASP A 77 7.56 4.96 -2.32
CA ASP A 77 6.60 5.73 -1.51
C ASP A 77 6.60 5.30 -0.06
N THR A 78 7.61 4.56 0.31
CA THR A 78 7.80 4.06 1.69
C THR A 78 9.25 3.71 1.94
N THR A 79 9.68 3.59 3.21
CA THR A 79 10.86 2.81 3.50
C THR A 79 10.57 1.30 3.56
N PHE A 80 11.61 0.49 3.56
CA PHE A 80 11.35 -0.89 3.77
C PHE A 80 10.80 -1.16 5.15
N GLU A 81 11.21 -0.35 6.15
CA GLU A 81 10.76 -0.51 7.53
C GLU A 81 9.32 -0.07 7.71
N SER A 82 8.91 0.96 7.03
CA SER A 82 7.53 1.42 7.17
C SER A 82 6.53 0.75 6.18
N ALA A 83 7.03 -0.13 5.33
CA ALA A 83 6.14 -0.77 4.39
C ALA A 83 5.17 -1.71 5.08
N ARG A 84 3.92 -1.63 4.64
CA ARG A 84 2.90 -2.58 5.13
C ARG A 84 2.68 -3.70 4.14
N PRO A 85 2.53 -4.92 4.65
CA PRO A 85 2.09 -5.98 3.70
C PRO A 85 0.77 -5.63 3.00
N THR A 86 0.68 -6.00 1.72
CA THR A 86 -0.49 -5.80 0.91
C THR A 86 -1.60 -6.77 1.23
N GLN A 87 -2.75 -6.50 0.62
CA GLN A 87 -3.87 -7.42 0.63
C GLN A 87 -3.43 -8.84 0.16
N THR A 88 -2.56 -8.85 -0.82
CA THR A 88 -2.04 -10.12 -1.40
C THR A 88 -1.22 -10.82 -0.38
N HIS A 89 -0.35 -10.09 0.30
CA HIS A 89 0.49 -10.71 1.31
C HIS A 89 -0.37 -11.38 2.37
N MET A 90 -1.34 -10.62 2.88
CA MET A 90 -2.25 -11.13 3.92
C MET A 90 -3.12 -12.28 3.45
N ALA A 91 -3.57 -12.27 2.17
CA ALA A 91 -4.30 -13.41 1.66
C ALA A 91 -3.43 -14.67 1.72
N LEU A 92 -2.19 -14.54 1.33
CA LEU A 92 -1.26 -15.72 1.34
C LEU A 92 -1.12 -16.27 2.80
N VAL A 93 -0.97 -15.37 3.77
CA VAL A 93 -1.02 -15.76 5.19
C VAL A 93 -2.23 -16.67 5.44
N GLN A 94 -3.41 -16.18 5.08
CA GLN A 94 -4.61 -16.90 5.40
C GLN A 94 -4.72 -18.25 4.68
N LEU A 95 -4.38 -18.26 3.46
CA LEU A 95 -4.39 -19.50 2.65
C LEU A 95 -3.47 -20.54 3.26
N GLU A 96 -2.30 -20.13 3.73
CA GLU A 96 -1.41 -21.16 4.40
C GLU A 96 -2.17 -21.62 5.71
N ARG A 97 -2.77 -20.70 6.44
CA ARG A 97 -3.32 -21.10 7.78
C ARG A 97 -4.47 -22.09 7.63
N VAL A 98 -5.21 -22.01 6.54
CA VAL A 98 -6.37 -22.94 6.30
C VAL A 98 -5.95 -24.16 5.51
N GLY A 99 -4.66 -24.26 5.17
CA GLY A 99 -4.14 -25.43 4.52
C GLY A 99 -4.33 -25.43 3.02
N LEU A 100 -4.68 -24.31 2.39
CA LEU A 100 -4.85 -24.29 0.95
C LEU A 100 -3.57 -23.96 0.17
N LEU A 101 -2.58 -23.45 0.84
CA LEU A 101 -1.24 -23.24 0.29
C LEU A 101 -0.29 -24.22 0.93
N ARG A 102 0.48 -24.92 0.14
CA ARG A 102 1.46 -25.87 0.70
C ARG A 102 2.81 -25.21 0.91
N PHE A 103 3.26 -24.34 -0.02
CA PHE A 103 4.56 -23.72 0.08
C PHE A 103 4.55 -22.39 -0.76
N LEU A 104 5.38 -21.47 -0.32
CA LEU A 104 5.53 -20.15 -0.88
C LEU A 104 6.96 -19.94 -1.25
N VAL A 105 7.15 -19.67 -2.53
CA VAL A 105 8.51 -19.36 -3.08
C VAL A 105 8.56 -17.89 -3.58
N SER A 106 9.49 -17.12 -3.07
CA SER A 106 9.51 -15.72 -3.40
C SER A 106 10.94 -15.33 -3.80
N GLN A 107 10.96 -14.47 -4.76
CA GLN A 107 12.12 -13.76 -5.17
C GLN A 107 12.35 -12.39 -4.49
N ASN A 108 11.44 -11.94 -3.63
CA ASN A 108 11.53 -10.61 -3.05
C ASN A 108 12.48 -10.60 -1.86
N VAL A 109 13.27 -9.53 -1.82
CA VAL A 109 14.13 -9.26 -0.72
C VAL A 109 13.54 -8.26 0.30
N ASP A 110 12.36 -7.84 0.01
CA ASP A 110 11.71 -6.76 0.82
C ASP A 110 11.31 -7.13 2.26
N GLY A 111 11.41 -8.40 2.69
CA GLY A 111 11.08 -8.73 4.02
C GLY A 111 9.59 -8.83 4.43
N LEU A 112 8.70 -8.55 3.49
CA LEU A 112 7.27 -8.46 3.82
C LEU A 112 6.57 -9.79 4.09
N HIS A 113 6.98 -10.86 3.40
CA HIS A 113 6.34 -12.12 3.68
C HIS A 113 6.64 -12.50 5.15
N VAL A 114 7.89 -12.43 5.54
CA VAL A 114 8.27 -12.66 7.00
C VAL A 114 7.50 -11.72 7.93
N ARG A 115 7.50 -10.43 7.63
CA ARG A 115 6.89 -9.45 8.52
C ARG A 115 5.36 -9.55 8.63
N SER A 116 4.73 -10.09 7.58
CA SER A 116 3.30 -10.43 7.55
C SER A 116 2.89 -11.53 8.51
N GLY A 117 3.83 -12.35 8.97
CA GLY A 117 3.62 -13.46 9.96
C GLY A 117 3.54 -14.78 9.25
N PHE A 118 3.96 -14.82 7.96
CA PHE A 118 3.91 -16.02 7.20
C PHE A 118 5.02 -17.03 7.71
N PRO A 119 4.71 -18.30 7.97
CA PRO A 119 5.67 -19.17 8.60
C PRO A 119 6.91 -19.45 7.74
N ARG A 120 8.08 -19.20 8.33
CA ARG A 120 9.32 -19.27 7.58
C ARG A 120 9.60 -20.71 7.16
N ASP A 121 9.04 -21.71 7.87
CA ASP A 121 9.26 -23.07 7.37
C ASP A 121 8.39 -23.46 6.16
N LYS A 122 7.49 -22.59 5.69
CA LYS A 122 6.78 -22.84 4.41
C LYS A 122 7.18 -21.81 3.29
N LEU A 123 8.26 -21.10 3.54
CA LEU A 123 8.76 -20.03 2.71
C LEU A 123 10.21 -20.30 2.21
N ALA A 124 10.42 -20.13 0.93
CA ALA A 124 11.75 -20.03 0.35
C ALA A 124 11.97 -18.59 -0.12
N GLU A 125 13.03 -17.95 0.41
CA GLU A 125 13.40 -16.61 0.03
C GLU A 125 14.66 -16.75 -0.84
N LEU A 126 14.41 -16.94 -2.11
CA LEU A 126 15.44 -17.36 -3.08
C LEU A 126 16.54 -16.32 -3.26
N HIS A 127 16.24 -15.02 -3.09
CA HIS A 127 17.22 -13.95 -3.35
C HIS A 127 17.67 -13.25 -2.11
N GLY A 128 17.17 -13.67 -0.93
CA GLY A 128 17.57 -13.07 0.34
C GLY A 128 16.43 -12.25 0.91
N ASN A 129 16.72 -11.61 2.03
CA ASN A 129 15.78 -10.81 2.81
C ASN A 129 16.57 -9.75 3.41
N MET A 130 16.21 -8.56 3.09
CA MET A 130 17.01 -7.48 3.63
C MET A 130 17.04 -7.23 5.11
N PHE A 131 16.12 -7.79 5.88
CA PHE A 131 16.07 -7.75 7.31
C PHE A 131 16.83 -8.94 7.98
N VAL A 132 17.39 -9.85 7.20
CA VAL A 132 17.95 -11.07 7.77
C VAL A 132 19.48 -11.06 7.60
N GLU A 133 20.19 -11.37 8.67
CA GLU A 133 21.62 -11.63 8.59
C GLU A 133 21.88 -13.00 9.15
N GLU A 134 23.00 -13.56 8.71
CA GLU A 134 23.31 -14.98 8.91
C GLU A 134 24.76 -15.19 9.42
N CYS A 135 24.95 -16.07 10.42
CA CYS A 135 26.30 -16.34 10.97
C CYS A 135 27.06 -17.19 9.93
N ALA A 136 28.11 -16.61 9.41
CA ALA A 136 29.07 -17.35 8.56
C ALA A 136 29.61 -18.65 9.26
N LYS A 137 29.65 -18.67 10.60
CA LYS A 137 30.19 -19.83 11.32
C LYS A 137 29.21 -20.92 11.61
N CYS A 138 28.14 -20.64 12.35
CA CYS A 138 27.13 -21.66 12.70
C CYS A 138 25.86 -21.64 11.83
N LYS A 139 25.70 -20.63 10.97
CA LYS A 139 24.58 -20.51 9.98
C LYS A 139 23.25 -19.97 10.50
N THR A 140 23.25 -19.60 11.78
CA THR A 140 22.09 -19.10 12.50
C THR A 140 21.69 -17.76 11.90
N GLN A 141 20.40 -17.60 11.63
CA GLN A 141 19.82 -16.39 10.99
C GLN A 141 19.17 -15.50 12.05
N TYR A 142 19.28 -14.20 11.88
CA TYR A 142 18.69 -13.26 12.81
C TYR A 142 17.78 -12.35 11.96
N VAL A 143 16.51 -12.29 12.35
CA VAL A 143 15.51 -11.50 11.67
C VAL A 143 15.38 -10.19 12.44
N ARG A 144 15.95 -9.15 11.86
CA ARG A 144 16.01 -7.90 12.49
C ARG A 144 14.83 -6.97 12.17
N ASP A 145 14.60 -6.01 13.03
CA ASP A 145 13.59 -4.98 12.84
C ASP A 145 13.95 -3.84 11.96
N THR A 146 15.17 -3.79 11.49
CA THR A 146 15.58 -2.79 10.56
C THR A 146 16.39 -3.47 9.51
N VAL A 147 16.54 -2.78 8.37
CA VAL A 147 17.18 -3.38 7.26
C VAL A 147 18.64 -3.51 7.58
N VAL A 148 19.17 -4.65 7.28
CA VAL A 148 20.59 -4.91 7.43
C VAL A 148 21.36 -4.08 6.36
N GLY A 149 22.32 -3.29 6.83
CA GLY A 149 22.96 -2.25 6.00
C GLY A 149 23.86 -2.66 4.84
N THR A 150 23.97 -3.93 4.48
CA THR A 150 24.85 -4.33 3.38
C THR A 150 24.19 -5.33 2.42
N MET A 151 24.74 -5.44 1.21
CA MET A 151 24.24 -6.38 0.26
C MET A 151 25.42 -7.09 -0.31
N GLY A 152 25.21 -8.26 -0.86
CA GLY A 152 26.25 -9.06 -1.43
C GLY A 152 26.94 -10.05 -0.53
N LEU A 153 26.27 -10.44 0.57
CA LEU A 153 26.78 -11.43 1.48
C LEU A 153 28.05 -10.94 2.25
N LYS A 154 28.11 -9.64 2.53
CA LYS A 154 29.18 -9.00 3.30
C LYS A 154 28.98 -9.04 4.84
N ALA A 155 30.07 -8.83 5.59
CA ALA A 155 30.04 -8.69 7.04
C ALA A 155 29.26 -7.42 7.40
N THR A 156 28.30 -7.52 8.32
CA THR A 156 27.50 -6.35 8.66
C THR A 156 28.16 -5.54 9.75
N GLY A 157 29.12 -6.17 10.49
CA GLY A 157 29.81 -5.56 11.62
C GLY A 157 29.31 -6.15 12.94
N ARG A 158 28.20 -6.90 12.94
CA ARG A 158 27.73 -7.53 14.18
C ARG A 158 28.24 -8.98 14.27
N LEU A 159 28.17 -9.54 15.48
CA LEU A 159 28.57 -10.90 15.81
C LEU A 159 27.43 -11.77 16.38
N CYS A 160 27.60 -13.05 16.15
CA CYS A 160 26.69 -14.05 16.59
C CYS A 160 26.65 -14.21 18.13
N THR A 161 25.45 -14.42 18.66
CA THR A 161 25.18 -14.49 20.08
C THR A 161 24.75 -15.89 20.54
N VAL A 162 24.78 -16.89 19.67
CA VAL A 162 24.35 -18.23 20.04
C VAL A 162 25.21 -18.77 21.22
N ALA A 163 24.57 -19.55 22.13
CA ALA A 163 25.10 -20.00 23.47
C ALA A 163 26.52 -20.57 23.45
N CYS A 171 29.42 -18.08 20.18
CA CYS A 171 29.93 -18.30 18.83
C CYS A 171 30.82 -17.15 18.33
N ARG A 172 30.32 -15.93 18.43
CA ARG A 172 31.04 -14.78 17.90
C ARG A 172 31.39 -14.85 16.39
N GLY A 173 30.75 -15.74 15.64
CA GLY A 173 30.91 -15.78 14.19
C GLY A 173 30.48 -14.45 13.58
N GLU A 174 31.02 -14.11 12.40
CA GLU A 174 30.81 -12.78 11.78
C GLU A 174 29.41 -12.87 11.16
N LEU A 175 28.53 -11.88 11.43
CA LEU A 175 27.21 -11.88 10.78
C LEU A 175 27.35 -11.30 9.39
N ARG A 176 26.70 -11.93 8.42
CA ARG A 176 26.63 -11.40 7.05
C ARG A 176 25.23 -11.18 6.52
N ASP A 177 25.05 -10.25 5.54
CA ASP A 177 23.71 -10.11 4.92
C ASP A 177 23.36 -11.33 4.06
N THR A 178 22.11 -11.41 3.63
CA THR A 178 21.68 -12.55 2.81
C THR A 178 21.29 -12.05 1.40
N ILE A 179 21.67 -10.83 1.04
CA ILE A 179 21.25 -10.30 -0.28
C ILE A 179 22.25 -10.72 -1.32
N LEU A 180 21.81 -11.63 -2.18
CA LEU A 180 22.62 -12.13 -3.29
C LEU A 180 22.98 -11.04 -4.26
N ASP A 181 24.25 -11.06 -4.70
CA ASP A 181 24.71 -10.23 -5.82
C ASP A 181 24.58 -11.04 -7.11
N TRP A 182 24.82 -10.41 -8.27
CA TRP A 182 24.70 -11.07 -9.58
C TRP A 182 25.46 -12.39 -9.68
N GLU A 183 26.67 -12.49 -9.13
CA GLU A 183 27.46 -13.75 -9.29
C GLU A 183 27.07 -14.85 -8.30
N ASP A 184 26.33 -14.52 -7.21
CA ASP A 184 26.17 -15.48 -6.10
C ASP A 184 25.12 -16.47 -6.45
N SER A 185 25.39 -17.74 -6.18
CA SER A 185 24.40 -18.78 -6.38
C SER A 185 23.39 -18.73 -5.24
N LEU A 186 22.22 -19.28 -5.54
CA LEU A 186 21.06 -19.28 -4.66
C LEU A 186 21.31 -20.08 -3.39
N PRO A 187 20.66 -19.73 -2.30
CA PRO A 187 20.86 -20.53 -1.10
C PRO A 187 20.38 -21.97 -1.23
N ASP A 188 21.25 -22.93 -0.91
CA ASP A 188 20.94 -24.32 -1.21
C ASP A 188 19.70 -24.85 -0.59
N ARG A 189 19.43 -24.48 0.65
CA ARG A 189 18.28 -25.00 1.35
C ARG A 189 16.99 -24.48 0.71
N ASP A 190 16.96 -23.18 0.48
CA ASP A 190 15.75 -22.58 -0.01
C ASP A 190 15.47 -23.15 -1.40
N LEU A 191 16.52 -23.29 -2.25
CA LEU A 191 16.29 -23.68 -3.65
C LEU A 191 15.82 -25.11 -3.68
N ALA A 192 16.39 -25.94 -2.79
CA ALA A 192 16.04 -27.34 -2.79
C ALA A 192 14.61 -27.55 -2.32
N LEU A 193 14.22 -26.89 -1.22
CA LEU A 193 12.81 -26.90 -0.77
C LEU A 193 11.84 -26.38 -1.82
N ALA A 194 12.16 -25.26 -2.47
CA ALA A 194 11.28 -24.68 -3.44
C ALA A 194 11.10 -25.61 -4.63
N ASP A 195 12.20 -26.23 -5.05
CA ASP A 195 12.16 -27.16 -6.20
C ASP A 195 11.35 -28.41 -5.84
N GLU A 196 11.57 -28.99 -4.66
CA GLU A 196 10.71 -30.12 -4.22
C GLU A 196 9.24 -29.76 -4.21
N ALA A 197 8.91 -28.59 -3.63
CA ALA A 197 7.48 -28.20 -3.55
C ALA A 197 6.90 -28.06 -4.94
N SER A 198 7.68 -27.44 -5.82
CA SER A 198 7.26 -27.12 -7.18
C SER A 198 7.06 -28.39 -7.98
N ARG A 199 8.02 -29.30 -7.90
CA ARG A 199 7.88 -30.64 -8.55
C ARG A 199 6.67 -31.46 -8.09
N ASN A 200 6.41 -31.48 -6.77
CA ASN A 200 5.24 -32.23 -6.23
C ASN A 200 3.92 -31.49 -6.30
N ALA A 201 3.91 -30.20 -6.63
CA ALA A 201 2.67 -29.44 -6.68
C ALA A 201 1.79 -29.90 -7.87
N ASP A 202 0.49 -29.93 -7.69
CA ASP A 202 -0.36 -30.06 -8.85
C ASP A 202 -0.89 -28.73 -9.33
N LEU A 203 -0.64 -27.65 -8.59
CA LEU A 203 -0.96 -26.30 -9.12
C LEU A 203 0.10 -25.34 -8.61
N SER A 204 0.75 -24.66 -9.53
CA SER A 204 1.62 -23.48 -9.21
C SER A 204 0.88 -22.22 -9.73
N ILE A 205 0.99 -21.13 -8.94
CA ILE A 205 0.28 -19.86 -9.23
C ILE A 205 1.41 -18.84 -9.04
N THR A 206 1.68 -18.06 -10.05
CA THR A 206 2.69 -17.02 -10.04
C THR A 206 1.98 -15.69 -9.84
N LEU A 207 2.53 -14.81 -9.02
CA LEU A 207 1.89 -13.48 -8.67
C LEU A 207 2.99 -12.45 -8.77
N GLY A 208 2.83 -11.50 -9.70
CA GLY A 208 3.73 -10.34 -9.80
C GLY A 208 5.18 -10.65 -9.96
N THR A 209 5.43 -11.62 -10.83
CA THR A 209 6.74 -11.98 -11.37
C THR A 209 6.74 -12.18 -12.92
N SER A 210 7.72 -11.55 -13.60
CA SER A 210 7.90 -11.67 -15.01
C SER A 210 8.66 -12.98 -15.38
N LEU A 211 9.14 -13.71 -14.37
CA LEU A 211 9.72 -15.08 -14.55
C LEU A 211 10.98 -15.15 -15.42
N GLN A 212 11.69 -14.03 -15.48
CA GLN A 212 12.83 -13.88 -16.36
C GLN A 212 14.15 -14.46 -15.75
N ILE A 213 14.18 -14.74 -14.44
CA ILE A 213 15.42 -15.07 -13.74
C ILE A 213 15.46 -16.55 -13.55
N ARG A 214 16.56 -17.16 -13.92
CA ARG A 214 16.74 -18.56 -13.64
C ARG A 214 17.72 -18.77 -12.50
N PRO A 215 17.52 -19.80 -11.71
CA PRO A 215 16.45 -20.77 -11.85
C PRO A 215 15.07 -20.36 -11.29
N SER A 216 15.01 -19.28 -10.52
CA SER A 216 13.77 -18.90 -9.74
C SER A 216 12.52 -18.90 -10.62
N GLY A 217 12.63 -18.22 -11.76
CA GLY A 217 11.53 -18.15 -12.73
C GLY A 217 11.13 -19.43 -13.43
N ASN A 218 11.98 -20.43 -13.39
CA ASN A 218 11.71 -21.72 -14.03
C ASN A 218 11.00 -22.68 -13.11
N LEU A 219 11.04 -22.46 -11.80
CA LEU A 219 10.42 -23.44 -10.83
C LEU A 219 8.94 -23.66 -11.08
N PRO A 220 8.17 -22.60 -11.47
CA PRO A 220 6.80 -22.92 -11.66
C PRO A 220 6.62 -24.00 -12.79
N LEU A 221 7.57 -24.05 -13.72
CA LEU A 221 7.46 -25.00 -14.86
C LEU A 221 7.61 -26.44 -14.40
N ALA A 222 8.28 -26.65 -13.29
CA ALA A 222 8.41 -28.00 -12.74
C ALA A 222 7.09 -28.64 -12.37
N THR A 223 6.15 -27.81 -11.94
CA THR A 223 4.84 -28.26 -11.67
C THR A 223 4.21 -28.87 -12.92
N LYS A 224 4.49 -28.33 -14.10
CA LYS A 224 3.96 -29.00 -15.30
C LYS A 224 4.28 -30.52 -15.51
N ARG A 225 5.32 -31.01 -14.86
CA ARG A 225 6.00 -32.21 -15.27
C ARG A 225 5.16 -33.43 -15.17
N ARG A 226 4.37 -33.57 -14.10
CA ARG A 226 3.50 -34.76 -14.01
C ARG A 226 2.07 -34.33 -14.16
N GLY A 227 1.89 -33.48 -15.17
CA GLY A 227 0.59 -33.00 -15.53
C GLY A 227 0.03 -32.01 -14.54
N GLY A 228 0.88 -31.31 -13.77
CA GLY A 228 0.32 -30.20 -12.93
C GLY A 228 -0.10 -29.02 -13.74
N ARG A 229 -0.88 -28.09 -13.13
CA ARG A 229 -1.41 -26.91 -13.80
C ARG A 229 -0.61 -25.70 -13.31
N LEU A 230 -0.59 -24.64 -14.15
CA LEU A 230 0.20 -23.42 -13.99
C LEU A 230 -0.71 -22.25 -14.34
N VAL A 231 -0.87 -21.36 -13.34
CA VAL A 231 -1.56 -20.12 -13.47
C VAL A 231 -0.53 -18.97 -13.28
N ILE A 232 -0.59 -17.99 -14.16
CA ILE A 232 0.24 -16.83 -14.08
C ILE A 232 -0.62 -15.61 -13.86
N VAL A 233 -0.33 -14.81 -12.83
CA VAL A 233 -1.12 -13.57 -12.61
C VAL A 233 -0.07 -12.48 -12.69
N ASN A 234 -0.24 -11.58 -13.67
CA ASN A 234 0.73 -10.55 -13.95
C ASN A 234 0.17 -9.51 -14.90
N LEU A 235 0.49 -8.25 -14.67
CA LEU A 235 0.19 -7.20 -15.63
C LEU A 235 0.90 -7.20 -17.07
N GLN A 236 2.16 -7.52 -17.12
CA GLN A 236 2.96 -7.62 -18.32
C GLN A 236 2.97 -9.10 -18.73
N PRO A 237 3.38 -9.37 -19.97
CA PRO A 237 3.84 -10.66 -20.36
C PRO A 237 4.94 -11.16 -19.43
N THR A 238 5.03 -12.47 -19.33
CA THR A 238 6.09 -13.19 -18.66
C THR A 238 6.77 -14.13 -19.58
N LYS A 239 7.96 -14.53 -19.17
CA LYS A 239 8.75 -15.45 -20.00
C LYS A 239 8.01 -16.75 -20.29
N HIS A 240 7.09 -17.23 -19.43
CA HIS A 240 6.48 -18.53 -19.59
C HIS A 240 5.04 -18.55 -19.86
N ASP A 241 4.51 -17.45 -20.39
CA ASP A 241 3.13 -17.32 -20.74
C ASP A 241 2.58 -18.43 -21.60
N ARG A 242 3.37 -18.92 -22.54
CA ARG A 242 2.83 -19.99 -23.44
C ARG A 242 2.62 -21.32 -22.72
N HIS A 243 3.25 -21.50 -21.58
CA HIS A 243 3.11 -22.70 -20.77
C HIS A 243 1.99 -22.69 -19.75
N ALA A 244 1.34 -21.52 -19.56
CA ALA A 244 0.30 -21.35 -18.59
C ALA A 244 -0.99 -22.01 -19.03
N ASP A 245 -1.67 -22.65 -18.09
CA ASP A 245 -3.05 -23.06 -18.32
C ASP A 245 -3.99 -21.91 -18.16
N LEU A 246 -3.58 -20.85 -17.45
CA LEU A 246 -4.47 -19.67 -17.24
C LEU A 246 -3.56 -18.48 -16.99
N ARG A 247 -3.86 -17.35 -17.62
CA ARG A 247 -3.06 -16.14 -17.43
C ARG A 247 -4.09 -15.07 -17.12
N ILE A 248 -3.94 -14.37 -16.03
CA ILE A 248 -4.84 -13.37 -15.59
C ILE A 248 -4.08 -12.07 -15.55
N HIS A 249 -4.57 -11.11 -16.29
CA HIS A 249 -3.91 -9.80 -16.43
C HIS A 249 -4.68 -8.73 -15.70
N GLY A 250 -4.20 -8.45 -14.50
CA GLY A 250 -4.99 -7.61 -13.58
C GLY A 250 -4.12 -7.33 -12.37
N TYR A 251 -4.50 -6.34 -11.59
CA TYR A 251 -3.81 -6.03 -10.33
C TYR A 251 -3.94 -7.23 -9.38
N VAL A 252 -2.81 -7.74 -8.84
CA VAL A 252 -2.88 -8.85 -7.97
C VAL A 252 -3.80 -8.66 -6.76
N ASP A 253 -3.86 -7.49 -6.13
CA ASP A 253 -4.75 -7.31 -4.99
C ASP A 253 -6.22 -7.52 -5.40
N GLU A 254 -6.60 -7.08 -6.62
CA GLU A 254 -7.96 -7.29 -7.11
C GLU A 254 -8.20 -8.75 -7.40
N VAL A 255 -7.20 -9.46 -7.98
CA VAL A 255 -7.36 -10.90 -8.24
C VAL A 255 -7.47 -11.72 -6.94
N MET A 256 -6.62 -11.39 -5.98
CA MET A 256 -6.60 -12.12 -4.71
C MET A 256 -7.81 -11.83 -3.83
N THR A 257 -8.31 -10.57 -3.76
CA THR A 257 -9.50 -10.31 -3.01
C THR A 257 -10.69 -11.03 -3.56
N ARG A 258 -10.85 -11.09 -4.88
CA ARG A 258 -11.95 -11.79 -5.47
C ARG A 258 -11.82 -13.27 -5.24
N LEU A 259 -10.60 -13.79 -5.30
CA LEU A 259 -10.40 -15.19 -5.12
C LEU A 259 -10.80 -15.56 -3.69
N MET A 260 -10.42 -14.78 -2.72
CA MET A 260 -10.67 -15.10 -1.30
C MET A 260 -12.21 -15.08 -1.03
N LYS A 261 -12.89 -14.14 -1.66
CA LYS A 261 -14.33 -14.06 -1.59
C LYS A 261 -14.95 -15.28 -2.18
N HIS A 262 -14.51 -15.74 -3.32
CA HIS A 262 -14.97 -17.06 -3.87
C HIS A 262 -14.68 -18.25 -2.93
N LEU A 263 -13.51 -18.26 -2.31
CA LEU A 263 -13.18 -19.31 -1.39
C LEU A 263 -13.91 -19.19 -0.04
N GLY A 264 -14.62 -18.08 0.25
CA GLY A 264 -15.23 -17.99 1.54
C GLY A 264 -14.30 -17.62 2.64
N LEU A 265 -13.15 -17.04 2.33
CA LEU A 265 -12.13 -16.64 3.33
C LEU A 265 -11.97 -15.12 3.55
N GLU A 266 -11.74 -14.70 4.79
CA GLU A 266 -11.44 -13.30 5.08
C GLU A 266 -9.97 -13.11 4.95
N ILE A 267 -9.58 -11.89 4.61
CA ILE A 267 -8.17 -11.51 4.59
C ILE A 267 -7.89 -10.95 5.98
N PRO A 268 -7.00 -11.60 6.71
CA PRO A 268 -6.75 -11.24 8.07
C PRO A 268 -5.96 -10.01 8.28
N ALA A 269 -6.18 -9.49 9.49
CA ALA A 269 -5.68 -8.17 9.92
C ALA A 269 -4.13 -8.31 10.12
N TRP A 270 -3.34 -7.32 9.80
CA TRP A 270 -1.91 -7.34 10.13
C TRP A 270 -1.69 -6.68 11.47
N ASP A 271 -1.07 -7.43 12.36
CA ASP A 271 -0.77 -6.95 13.72
C ASP A 271 0.42 -5.97 13.82
N GLY A 272 1.16 -5.74 12.72
CA GLY A 272 2.42 -5.09 12.74
C GLY A 272 3.49 -6.18 12.54
N PRO A 273 4.79 -5.83 12.54
CA PRO A 273 5.86 -6.80 12.11
C PRO A 273 6.02 -7.92 13.07
N ARG A 274 5.88 -9.15 12.63
CA ARG A 274 5.90 -10.32 13.50
C ARG A 274 6.58 -11.43 12.78
N VAL A 275 7.31 -12.30 13.48
CA VAL A 275 8.08 -13.31 12.79
C VAL A 275 7.57 -14.60 13.35
N LEU A 276 7.20 -15.52 12.48
CA LEU A 276 6.69 -16.82 12.88
C LEU A 276 7.69 -17.79 12.29
N GLU A 277 8.40 -18.52 13.09
CA GLU A 277 9.31 -19.60 12.52
C GLU A 277 8.70 -20.82 11.94
N ARG A 278 7.67 -21.34 12.61
CA ARG A 278 7.11 -22.60 12.27
C ARG A 278 5.55 -22.49 12.10
N ALA A 279 5.07 -23.13 11.06
CA ALA A 279 3.70 -23.07 10.72
C ALA A 279 2.89 -23.66 11.90
N LEU A 280 1.74 -23.06 12.20
CA LEU A 280 0.83 -23.47 13.29
C LEU A 280 -0.03 -24.59 12.76
N PRO A 281 -0.77 -25.29 13.66
CA PRO A 281 -1.72 -26.30 13.11
C PRO A 281 -2.83 -25.62 12.31
N PRO A 282 -3.24 -26.16 11.18
CA PRO A 282 -4.29 -25.63 10.29
C PRO A 282 -5.65 -25.36 10.88
N LEU A 283 -6.23 -24.27 10.40
CA LEU A 283 -7.51 -23.82 10.86
C LEU A 283 -8.61 -24.47 10.05
N PRO A 284 -9.89 -24.40 10.52
CA PRO A 284 -11.02 -24.93 9.73
C PRO A 284 -11.07 -24.13 8.41
N ARG A 285 -11.57 -24.74 7.35
CA ARG A 285 -11.87 -24.00 6.16
C ARG A 285 -13.28 -24.33 5.61
N PRO A 286 -13.79 -23.51 4.67
CA PRO A 286 -15.10 -23.76 4.17
C PRO A 286 -15.19 -25.07 3.50
N PRO A 287 -16.39 -25.68 3.52
CA PRO A 287 -16.47 -26.87 2.65
C PRO A 287 -16.47 -26.46 1.16
N THR A 288 -16.08 -27.40 0.36
CA THR A 288 -15.80 -27.21 -1.08
C THR A 288 -17.01 -27.40 -2.01
N PRO A 289 -17.13 -26.58 -3.07
CA PRO A 289 -18.26 -26.74 -3.94
C PRO A 289 -18.21 -28.01 -4.72
N LYS A 290 -19.35 -28.43 -5.23
CA LYS A 290 -19.36 -29.53 -6.16
C LYS A 290 -18.89 -28.93 -7.49
N LEU A 291 -17.91 -29.54 -8.09
CA LEU A 291 -17.44 -29.12 -9.42
C LEU A 291 -17.74 -30.29 -10.40
N GLU A 292 -18.65 -30.05 -11.34
CA GLU A 292 -19.13 -31.11 -12.24
C GLU A 292 -18.21 -31.21 -13.45
N LYS B 9 -0.93 24.41 -13.02
CA LYS B 9 -0.31 23.13 -12.55
C LYS B 9 0.66 23.31 -11.38
N GLY B 10 1.40 24.43 -11.34
CA GLY B 10 2.31 24.77 -10.23
C GLY B 10 3.69 24.17 -10.36
N LYS B 11 4.57 24.44 -9.39
CA LYS B 11 5.93 23.87 -9.38
C LYS B 11 5.89 22.34 -9.15
N CYS B 12 6.34 21.60 -10.18
CA CYS B 12 6.19 20.15 -10.27
C CYS B 12 7.57 19.56 -10.18
N GLY B 13 7.67 18.42 -9.52
CA GLY B 13 8.93 17.68 -9.48
C GLY B 13 10.14 18.32 -8.80
N LEU B 14 9.91 19.22 -7.81
CA LEU B 14 10.96 19.69 -6.89
C LEU B 14 11.64 18.53 -6.14
N PRO B 15 12.93 18.73 -5.76
CA PRO B 15 13.54 17.63 -5.02
C PRO B 15 12.90 17.34 -3.65
N GLU B 16 12.94 16.06 -3.27
CA GLU B 16 12.53 15.66 -1.94
C GLU B 16 13.58 15.96 -0.91
N ILE B 17 13.12 16.06 0.31
CA ILE B 17 13.98 16.38 1.44
C ILE B 17 13.70 15.27 2.43
N PHE B 18 14.73 14.69 3.01
CA PHE B 18 14.55 13.73 4.07
C PHE B 18 15.28 14.15 5.33
N ASP B 19 14.55 14.42 6.41
CA ASP B 19 15.22 14.67 7.69
C ASP B 19 16.03 13.43 8.14
N PRO B 20 17.27 13.63 8.63
CA PRO B 20 18.02 12.47 9.16
C PRO B 20 17.33 11.88 10.41
N PRO B 21 17.59 10.59 10.73
CA PRO B 21 16.72 9.89 11.69
C PRO B 21 16.65 10.51 13.07
N GLU B 22 17.76 11.01 13.60
CA GLU B 22 17.69 11.71 14.91
C GLU B 22 16.78 12.90 14.92
N GLU B 23 16.87 13.67 13.84
CA GLU B 23 16.09 14.90 13.72
C GLU B 23 14.59 14.59 13.56
N LEU B 24 14.33 13.60 12.72
CA LEU B 24 13.00 13.14 12.48
C LEU B 24 12.38 12.73 13.80
N GLU B 25 13.10 11.94 14.58
CA GLU B 25 12.55 11.48 15.86
C GLU B 25 12.21 12.63 16.81
N ARG B 26 13.07 13.63 16.79
CA ARG B 26 12.87 14.81 17.60
C ARG B 26 11.64 15.59 17.16
N LYS B 27 11.48 15.82 15.85
CA LYS B 27 10.35 16.59 15.33
C LYS B 27 9.04 15.88 15.62
N VAL B 28 9.02 14.54 15.50
CA VAL B 28 7.78 13.78 15.77
C VAL B 28 7.44 13.86 17.25
N TRP B 29 8.44 13.94 18.12
CA TRP B 29 8.18 14.19 19.55
C TRP B 29 7.58 15.58 19.80
N GLU B 30 8.11 16.55 19.09
CA GLU B 30 7.57 17.88 19.13
C GLU B 30 6.12 17.93 18.61
N LEU B 31 5.82 17.24 17.49
CA LEU B 31 4.44 17.08 17.03
C LEU B 31 3.54 16.48 18.13
N ALA B 32 4.00 15.41 18.78
CA ALA B 32 3.24 14.86 19.93
C ALA B 32 2.92 15.90 21.02
N ARG B 33 3.94 16.67 21.39
CA ARG B 33 3.78 17.74 22.37
C ARG B 33 2.68 18.67 21.88
N LEU B 34 2.75 19.12 20.62
CA LEU B 34 1.71 20.02 20.12
C LEU B 34 0.34 19.40 20.18
N VAL B 35 0.21 18.14 19.77
CA VAL B 35 -1.11 17.49 19.80
C VAL B 35 -1.62 17.45 21.25
N TRP B 36 -0.78 16.97 22.18
CA TRP B 36 -1.17 16.97 23.63
C TRP B 36 -1.59 18.35 24.18
N GLN B 37 -0.84 19.38 23.87
CA GLN B 37 -1.20 20.75 24.25
C GLN B 37 -2.42 21.35 23.57
N SER B 38 -2.80 20.92 22.37
CA SER B 38 -3.85 21.64 21.65
C SER B 38 -5.26 21.21 21.99
N SER B 39 -6.19 22.16 21.95
CA SER B 39 -7.60 21.92 22.14
C SER B 39 -8.39 21.59 20.88
N SER B 40 -7.96 22.04 19.72
CA SER B 40 -8.76 21.80 18.51
C SER B 40 -7.79 21.58 17.34
N VAL B 41 -7.69 20.33 16.94
CA VAL B 41 -6.70 19.91 15.96
C VAL B 41 -7.41 19.55 14.66
N VAL B 42 -6.97 20.16 13.57
CA VAL B 42 -7.49 19.96 12.28
C VAL B 42 -6.35 19.44 11.39
N PHE B 43 -6.67 18.40 10.63
CA PHE B 43 -5.72 17.81 9.71
C PHE B 43 -6.21 18.15 8.32
N HIS B 44 -5.26 18.41 7.41
CA HIS B 44 -5.47 18.73 6.06
C HIS B 44 -4.65 17.71 5.24
N THR B 45 -5.31 16.96 4.40
CA THR B 45 -4.60 15.94 3.62
C THR B 45 -4.70 16.18 2.13
N GLY B 46 -3.64 15.76 1.43
CA GLY B 46 -3.55 15.74 0.02
C GLY B 46 -3.02 14.42 -0.52
N ALA B 47 -2.58 14.45 -1.78
CA ALA B 47 -2.36 13.22 -2.53
C ALA B 47 -1.20 12.37 -2.01
N GLY B 48 -0.32 13.05 -1.32
CA GLY B 48 0.85 12.39 -0.60
C GLY B 48 0.48 11.24 0.33
N ILE B 49 -0.70 11.28 0.96
CA ILE B 49 -1.11 10.21 1.88
C ILE B 49 -1.65 8.96 1.23
N SER B 50 -1.82 8.94 -0.10
CA SER B 50 -2.25 7.73 -0.81
C SER B 50 -1.19 7.09 -1.67
N THR B 51 -0.02 7.72 -1.83
CA THR B 51 1.03 7.15 -2.60
C THR B 51 1.52 5.77 -2.17
N ALA B 52 1.59 5.56 -0.87
CA ALA B 52 1.86 4.22 -0.31
C ALA B 52 0.79 3.12 -0.50
N SER B 53 -0.37 3.44 -1.04
CA SER B 53 -1.33 2.44 -1.43
C SER B 53 -1.44 2.27 -2.99
N GLY B 54 -0.51 2.87 -3.71
CA GLY B 54 -0.33 2.70 -5.13
C GLY B 54 -1.01 3.74 -5.98
N ILE B 55 -1.52 4.84 -5.40
CA ILE B 55 -2.20 5.93 -6.18
C ILE B 55 -1.16 7.07 -6.28
N PRO B 56 -0.82 7.51 -7.53
CA PRO B 56 0.18 8.51 -7.63
C PRO B 56 -0.26 9.92 -7.17
N ASP B 57 0.69 10.75 -6.81
CA ASP B 57 0.31 12.13 -6.43
C ASP B 57 0.31 12.98 -7.73
N PHE B 58 0.26 14.30 -7.59
CA PHE B 58 0.19 15.21 -8.75
C PHE B 58 1.53 15.85 -9.11
N ARG B 59 2.26 16.31 -8.09
CA ARG B 59 3.46 17.14 -8.25
C ARG B 59 4.74 16.53 -7.75
N GLY B 60 4.68 15.30 -7.23
CA GLY B 60 5.87 14.59 -6.80
C GLY B 60 6.75 14.10 -7.97
N PRO B 61 7.89 13.49 -7.64
CA PRO B 61 8.82 13.07 -8.71
C PRO B 61 8.14 12.27 -9.80
N HIS B 62 7.23 11.34 -9.45
CA HIS B 62 6.45 10.60 -10.50
C HIS B 62 4.95 10.93 -10.60
N GLY B 63 4.59 12.10 -10.05
CA GLY B 63 3.24 12.58 -10.03
C GLY B 63 2.64 12.78 -11.36
N VAL B 64 1.33 12.80 -11.37
CA VAL B 64 0.48 12.91 -12.55
C VAL B 64 0.94 14.07 -13.51
N TRP B 65 1.15 15.26 -12.95
CA TRP B 65 1.51 16.44 -13.77
C TRP B 65 3.01 16.45 -14.10
N THR B 66 3.85 16.27 -13.06
CA THR B 66 5.28 15.99 -13.16
C THR B 66 5.70 14.95 -14.22
N MET B 67 4.89 13.91 -14.44
CA MET B 67 5.14 12.94 -15.53
C MET B 67 4.68 13.54 -16.85
N GLU B 68 3.50 14.13 -16.88
CA GLU B 68 2.98 14.73 -18.13
C GLU B 68 3.95 15.77 -18.75
N GLU B 69 4.45 16.70 -17.92
CA GLU B 69 5.58 17.61 -18.27
C GLU B 69 6.84 16.97 -18.86
N ARG B 70 7.16 15.75 -18.43
CA ARG B 70 8.24 15.00 -19.03
C ARG B 70 7.69 14.05 -20.12
N GLY B 71 6.45 14.27 -20.59
CA GLY B 71 5.80 13.36 -21.51
C GLY B 71 5.75 11.86 -21.14
N LEU B 72 5.48 11.54 -19.87
CA LEU B 72 5.39 10.13 -19.43
C LEU B 72 3.99 9.95 -18.82
N ALA B 73 3.60 8.72 -18.42
CA ALA B 73 2.25 8.53 -17.78
C ALA B 73 2.46 8.32 -16.30
N PRO B 74 1.47 8.76 -15.48
CA PRO B 74 1.48 8.35 -14.07
C PRO B 74 1.17 6.85 -13.98
N LYS B 75 1.70 6.22 -12.95
CA LYS B 75 1.47 4.82 -12.79
C LYS B 75 0.59 4.62 -11.53
N PHE B 76 -0.37 3.76 -11.69
CA PHE B 76 -1.25 3.25 -10.65
C PHE B 76 -0.76 1.85 -10.35
N ASP B 77 -0.56 1.50 -9.07
CA ASP B 77 -0.26 0.09 -8.72
C ASP B 77 -1.56 -0.54 -8.14
N THR B 78 -2.70 0.15 -8.32
CA THR B 78 -4.03 -0.35 -7.86
C THR B 78 -5.17 0.32 -8.65
N THR B 79 -6.39 -0.19 -8.62
CA THR B 79 -7.57 0.62 -9.02
C THR B 79 -8.05 1.36 -7.79
N PHE B 80 -8.95 2.31 -8.03
CA PHE B 80 -9.52 3.06 -6.95
C PHE B 80 -10.31 2.15 -6.02
N GLU B 81 -10.98 1.21 -6.63
CA GLU B 81 -11.80 0.24 -5.94
C GLU B 81 -11.02 -0.76 -5.13
N SER B 82 -9.87 -1.22 -5.64
CA SER B 82 -9.01 -2.13 -4.87
C SER B 82 -7.95 -1.43 -3.95
N ALA B 83 -7.87 -0.11 -3.94
CA ALA B 83 -6.99 0.59 -3.06
C ALA B 83 -7.40 0.36 -1.58
N ARG B 84 -6.41 0.16 -0.73
CA ARG B 84 -6.67 0.11 0.71
C ARG B 84 -6.26 1.38 1.40
N PRO B 85 -7.00 1.76 2.43
CA PRO B 85 -6.41 2.86 3.26
C PRO B 85 -5.04 2.56 3.83
N THR B 86 -4.18 3.59 3.82
CA THR B 86 -2.88 3.54 4.40
C THR B 86 -2.92 3.51 5.89
N GLN B 87 -1.77 3.19 6.45
CA GLN B 87 -1.53 3.39 7.88
C GLN B 87 -1.93 4.86 8.30
N THR B 88 -1.61 5.85 7.48
CA THR B 88 -1.92 7.29 7.83
C THR B 88 -3.48 7.45 7.87
N HIS B 89 -4.15 6.92 6.88
CA HIS B 89 -5.62 6.94 6.85
C HIS B 89 -6.24 6.38 8.13
N MET B 90 -5.79 5.17 8.47
CA MET B 90 -6.32 4.55 9.68
C MET B 90 -5.93 5.23 10.97
N ALA B 91 -4.77 5.86 11.00
CA ALA B 91 -4.36 6.58 12.21
C ALA B 91 -5.32 7.79 12.43
N LEU B 92 -5.72 8.41 11.34
CA LEU B 92 -6.67 9.54 11.39
C LEU B 92 -8.03 9.06 11.88
N VAL B 93 -8.46 7.84 11.48
CA VAL B 93 -9.68 7.27 12.01
C VAL B 93 -9.63 7.17 13.51
N GLN B 94 -8.55 6.62 14.02
CA GLN B 94 -8.36 6.47 15.44
C GLN B 94 -8.24 7.78 16.22
N LEU B 95 -7.50 8.75 15.69
CA LEU B 95 -7.33 10.08 16.32
C LEU B 95 -8.70 10.71 16.44
N GLU B 96 -9.54 10.56 15.40
CA GLU B 96 -10.94 11.12 15.57
C GLU B 96 -11.78 10.35 16.59
N ARG B 97 -11.58 9.05 16.61
CA ARG B 97 -12.29 8.17 17.51
CA ARG B 97 -12.37 8.19 17.55
C ARG B 97 -12.06 8.48 19.01
N VAL B 98 -10.80 8.80 19.34
CA VAL B 98 -10.49 9.13 20.69
C VAL B 98 -10.58 10.62 21.02
N GLY B 99 -11.03 11.45 20.11
CA GLY B 99 -11.23 12.85 20.47
C GLY B 99 -10.04 13.78 20.23
N LEU B 100 -8.94 13.31 19.59
CA LEU B 100 -7.78 14.12 19.38
C LEU B 100 -7.72 14.85 18.06
N LEU B 101 -8.65 14.56 17.17
CA LEU B 101 -8.85 15.23 15.90
C LEU B 101 -10.25 15.85 15.88
N ARG B 102 -10.36 17.17 15.64
CA ARG B 102 -11.66 17.85 15.54
C ARG B 102 -12.30 17.74 14.17
N PHE B 103 -11.51 17.84 13.10
CA PHE B 103 -12.02 17.90 11.77
C PHE B 103 -10.89 17.53 10.76
N LEU B 104 -11.31 17.06 9.63
CA LEU B 104 -10.42 16.58 8.59
C LEU B 104 -10.79 17.30 7.29
N VAL B 105 -9.84 18.03 6.76
CA VAL B 105 -10.03 18.67 5.43
C VAL B 105 -9.22 17.96 4.38
N SER B 106 -9.85 17.43 3.32
CA SER B 106 -9.06 16.74 2.31
C SER B 106 -9.30 17.22 0.88
N GLN B 107 -8.22 17.30 0.15
CA GLN B 107 -8.23 17.63 -1.28
C GLN B 107 -8.36 16.42 -2.14
N ASN B 108 -8.40 15.23 -1.53
CA ASN B 108 -8.33 13.98 -2.36
C ASN B 108 -9.70 13.55 -2.80
N VAL B 109 -9.74 13.08 -4.05
CA VAL B 109 -10.93 12.48 -4.66
C VAL B 109 -10.98 10.94 -4.68
N ASP B 110 -9.93 10.37 -4.12
CA ASP B 110 -9.76 8.89 -4.10
C ASP B 110 -10.75 8.09 -3.26
N GLY B 111 -11.61 8.73 -2.43
CA GLY B 111 -12.58 8.04 -1.65
C GLY B 111 -12.13 7.26 -0.43
N LEU B 112 -10.86 7.33 -0.11
CA LEU B 112 -10.27 6.45 0.91
C LEU B 112 -10.64 6.89 2.32
N HIS B 113 -10.65 8.21 2.58
CA HIS B 113 -11.17 8.67 3.88
C HIS B 113 -12.50 8.12 4.22
N VAL B 114 -13.50 8.27 3.33
CA VAL B 114 -14.84 7.69 3.56
C VAL B 114 -14.78 6.16 3.68
N ARG B 115 -14.01 5.51 2.79
CA ARG B 115 -13.99 4.04 2.79
C ARG B 115 -13.27 3.41 3.98
N SER B 116 -12.42 4.20 4.56
CA SER B 116 -11.74 3.86 5.83
C SER B 116 -12.65 3.83 7.07
N GLY B 117 -13.85 4.45 6.99
CA GLY B 117 -14.84 4.45 8.09
C GLY B 117 -14.79 5.79 8.85
N PHE B 118 -14.01 6.76 8.34
CA PHE B 118 -13.95 8.04 8.95
C PHE B 118 -15.33 8.75 8.85
N PRO B 119 -15.84 9.27 9.97
CA PRO B 119 -17.17 9.89 9.95
C PRO B 119 -17.32 11.11 9.01
N ARG B 120 -18.27 10.99 8.09
CA ARG B 120 -18.52 12.00 7.05
C ARG B 120 -18.85 13.40 7.64
N ASP B 121 -19.44 13.45 8.82
CA ASP B 121 -19.72 14.82 9.42
C ASP B 121 -18.52 15.50 10.04
N LYS B 122 -17.35 14.82 10.04
CA LYS B 122 -16.13 15.45 10.34
C LYS B 122 -15.11 15.65 9.19
N LEU B 123 -15.57 15.48 7.98
CA LEU B 123 -14.75 15.50 6.75
C LEU B 123 -15.27 16.57 5.75
N ALA B 124 -14.40 17.38 5.22
CA ALA B 124 -14.68 18.13 3.98
C ALA B 124 -13.87 17.53 2.87
N GLU B 125 -14.58 17.18 1.80
CA GLU B 125 -13.92 16.66 0.64
C GLU B 125 -13.98 17.78 -0.44
N LEU B 126 -12.98 18.63 -0.42
CA LEU B 126 -13.04 19.92 -1.08
C LEU B 126 -13.09 19.77 -2.57
N HIS B 127 -12.56 18.67 -3.15
CA HIS B 127 -12.50 18.55 -4.61
C HIS B 127 -13.40 17.46 -5.18
N GLY B 128 -14.18 16.81 -4.32
CA GLY B 128 -15.09 15.75 -4.68
C GLY B 128 -14.59 14.34 -4.21
N ASN B 129 -15.29 13.32 -4.65
CA ASN B 129 -15.03 11.94 -4.21
C ASN B 129 -15.56 11.17 -5.34
N MET B 130 -14.70 10.33 -5.89
CA MET B 130 -15.07 9.68 -7.11
C MET B 130 -16.12 8.63 -6.94
N PHE B 131 -16.39 8.19 -5.70
CA PHE B 131 -17.43 7.21 -5.41
C PHE B 131 -18.80 7.82 -5.17
N VAL B 132 -18.85 9.14 -5.09
CA VAL B 132 -20.01 9.85 -4.64
C VAL B 132 -20.71 10.54 -5.82
N GLU B 133 -22.00 10.30 -5.94
CA GLU B 133 -22.84 11.07 -6.85
C GLU B 133 -23.99 11.69 -6.06
N GLU B 134 -24.47 12.79 -6.61
CA GLU B 134 -25.34 13.73 -5.84
C GLU B 134 -26.52 14.11 -6.74
N CYS B 135 -27.74 14.05 -6.22
CA CYS B 135 -28.92 14.42 -7.03
C CYS B 135 -28.95 15.94 -7.25
N ALA B 136 -28.98 16.35 -8.51
CA ALA B 136 -29.14 17.77 -8.80
C ALA B 136 -30.43 18.35 -8.17
N LYS B 137 -31.53 17.61 -8.21
CA LYS B 137 -32.76 18.10 -7.57
C LYS B 137 -32.65 18.31 -6.04
N CYS B 138 -32.52 17.25 -5.26
CA CYS B 138 -32.69 17.34 -3.80
C CYS B 138 -31.38 17.27 -3.02
N LYS B 139 -30.25 17.19 -3.75
CA LYS B 139 -28.87 17.23 -3.20
C LYS B 139 -28.46 16.04 -2.31
N THR B 140 -29.29 14.99 -2.30
CA THR B 140 -28.96 13.71 -1.67
C THR B 140 -27.72 13.10 -2.32
N GLN B 141 -26.79 12.63 -1.46
CA GLN B 141 -25.54 11.97 -1.88
C GLN B 141 -25.66 10.46 -1.72
N TYR B 142 -25.02 9.76 -2.64
CA TYR B 142 -25.07 8.33 -2.74
C TYR B 142 -23.58 8.00 -2.72
N VAL B 143 -23.15 7.19 -1.73
CA VAL B 143 -21.75 6.68 -1.70
C VAL B 143 -21.80 5.29 -2.32
N ARG B 144 -21.16 5.17 -3.48
CA ARG B 144 -21.20 3.95 -4.23
C ARG B 144 -19.96 3.09 -3.93
N ASP B 145 -20.11 1.79 -4.20
CA ASP B 145 -19.04 0.81 -4.07
C ASP B 145 -18.04 0.80 -5.21
N THR B 146 -18.38 1.45 -6.34
CA THR B 146 -17.47 1.59 -7.46
C THR B 146 -17.41 3.05 -7.86
N VAL B 147 -16.38 3.45 -8.62
CA VAL B 147 -16.25 4.86 -8.96
C VAL B 147 -17.38 5.27 -9.93
N VAL B 148 -17.95 6.42 -9.69
CA VAL B 148 -18.93 7.01 -10.58
C VAL B 148 -18.20 7.31 -11.90
N GLY B 149 -18.80 6.96 -13.01
CA GLY B 149 -18.05 7.02 -14.26
C GLY B 149 -17.73 8.32 -14.95
N THR B 150 -18.11 9.45 -14.38
CA THR B 150 -17.95 10.76 -14.96
C THR B 150 -17.16 11.71 -14.07
N MET B 151 -16.58 12.71 -14.71
CA MET B 151 -15.78 13.73 -14.10
C MET B 151 -16.40 15.08 -14.50
N GLY B 152 -16.35 16.07 -13.64
CA GLY B 152 -16.74 17.43 -14.02
C GLY B 152 -18.21 17.76 -13.82
N LEU B 153 -18.84 17.11 -12.86
CA LEU B 153 -20.20 17.43 -12.39
C LEU B 153 -21.25 17.10 -13.49
N LYS B 154 -21.01 16.03 -14.23
CA LYS B 154 -21.93 15.62 -15.29
C LYS B 154 -22.87 14.48 -14.89
N ALA B 155 -23.90 14.27 -15.73
CA ALA B 155 -24.96 13.33 -15.40
C ALA B 155 -24.41 11.91 -15.60
N THR B 156 -24.64 11.09 -14.58
CA THR B 156 -23.98 9.78 -14.49
C THR B 156 -24.81 8.77 -15.26
N GLY B 157 -26.08 9.12 -15.48
CA GLY B 157 -27.03 8.30 -16.17
C GLY B 157 -28.00 7.70 -15.18
N ARG B 158 -27.86 7.96 -13.88
CA ARG B 158 -28.70 7.31 -12.85
C ARG B 158 -29.63 8.32 -12.20
N LEU B 159 -30.71 7.82 -11.61
CA LEU B 159 -31.71 8.67 -10.97
C LEU B 159 -31.82 8.54 -9.45
N CYS B 160 -32.23 9.61 -8.82
CA CYS B 160 -32.47 9.63 -7.39
C CYS B 160 -33.62 8.74 -6.96
N THR B 161 -33.46 8.03 -5.86
CA THR B 161 -34.44 7.07 -5.42
C THR B 161 -35.11 7.46 -4.10
N VAL B 162 -34.95 8.71 -3.64
CA VAL B 162 -35.57 9.21 -2.37
C VAL B 162 -37.09 9.37 -2.58
N ALA B 163 -37.90 8.90 -1.64
CA ALA B 163 -39.39 8.82 -1.78
C ALA B 163 -40.10 10.06 -2.37
N CYS B 171 -38.39 11.31 -6.33
CA CYS B 171 -37.77 12.60 -6.67
C CYS B 171 -37.19 12.54 -8.06
N ARG B 172 -36.63 11.37 -8.36
CA ARG B 172 -36.16 11.04 -9.70
C ARG B 172 -35.23 12.05 -10.41
N GLY B 173 -34.49 12.89 -9.67
CA GLY B 173 -33.52 13.82 -10.29
C GLY B 173 -32.33 13.09 -10.94
N GLU B 174 -31.60 13.76 -11.84
CA GLU B 174 -30.43 13.17 -12.47
C GLU B 174 -29.36 13.19 -11.34
N LEU B 175 -28.62 12.10 -11.25
CA LEU B 175 -27.45 12.03 -10.43
C LEU B 175 -26.27 12.53 -11.22
N ARG B 176 -25.38 13.25 -10.55
CA ARG B 176 -24.19 13.83 -11.12
C ARG B 176 -22.93 13.49 -10.30
N ASP B 177 -21.77 13.38 -10.95
CA ASP B 177 -20.56 13.17 -10.19
C ASP B 177 -20.24 14.42 -9.32
N THR B 178 -19.28 14.31 -8.40
CA THR B 178 -18.86 15.46 -7.57
C THR B 178 -17.41 15.86 -7.77
N ILE B 179 -16.85 15.45 -8.88
CA ILE B 179 -15.47 15.75 -9.19
C ILE B 179 -15.42 17.07 -9.94
N LEU B 180 -14.93 18.08 -9.22
CA LEU B 180 -14.68 19.43 -9.74
C LEU B 180 -13.71 19.36 -10.89
N ASP B 181 -14.04 20.06 -11.98
CA ASP B 181 -13.03 20.40 -12.99
C ASP B 181 -12.37 21.77 -12.66
N TRP B 182 -11.34 22.14 -13.43
CA TRP B 182 -10.72 23.48 -13.35
C TRP B 182 -11.82 24.46 -13.68
N GLU B 183 -11.99 25.46 -12.85
CA GLU B 183 -13.04 26.47 -13.07
C GLU B 183 -14.40 26.05 -12.54
N ASP B 184 -14.51 24.89 -11.87
CA ASP B 184 -15.61 24.63 -10.94
C ASP B 184 -15.23 25.22 -9.58
N SER B 185 -16.22 25.81 -8.91
CA SER B 185 -16.03 26.35 -7.57
C SER B 185 -16.12 25.19 -6.58
N LEU B 186 -15.58 25.39 -5.38
CA LEU B 186 -15.57 24.36 -4.33
C LEU B 186 -16.99 24.29 -3.80
N PRO B 187 -17.47 23.09 -3.37
CA PRO B 187 -18.81 23.03 -2.80
C PRO B 187 -18.87 23.87 -1.57
N ASP B 188 -19.86 24.75 -1.52
CA ASP B 188 -20.05 25.69 -0.44
C ASP B 188 -20.07 25.04 0.95
N ARG B 189 -20.89 24.03 1.11
CA ARG B 189 -20.97 23.37 2.44
C ARG B 189 -19.57 22.94 2.97
N ASP B 190 -18.89 22.12 2.19
CA ASP B 190 -17.59 21.57 2.58
C ASP B 190 -16.58 22.65 2.93
N LEU B 191 -16.52 23.69 2.08
CA LEU B 191 -15.54 24.76 2.23
C LEU B 191 -15.83 25.67 3.43
N ALA B 192 -17.10 25.96 3.70
CA ALA B 192 -17.47 26.72 4.89
C ALA B 192 -17.10 25.91 6.11
N LEU B 193 -17.45 24.64 6.10
CA LEU B 193 -17.10 23.82 7.30
C LEU B 193 -15.59 23.72 7.50
N ALA B 194 -14.86 23.59 6.40
CA ALA B 194 -13.40 23.53 6.43
C ALA B 194 -12.80 24.82 6.90
N ASP B 195 -13.32 25.92 6.36
CA ASP B 195 -12.84 27.26 6.76
C ASP B 195 -13.06 27.52 8.24
N GLU B 196 -14.26 27.18 8.70
CA GLU B 196 -14.64 27.32 10.13
C GLU B 196 -13.80 26.47 11.08
N ALA B 197 -13.59 25.20 10.74
CA ALA B 197 -12.70 24.35 11.53
C ALA B 197 -11.26 24.92 11.59
N SER B 198 -10.76 25.41 10.45
CA SER B 198 -9.41 25.93 10.32
C SER B 198 -9.22 27.23 11.19
N ARG B 199 -10.19 28.11 11.13
CA ARG B 199 -10.13 29.37 11.89
C ARG B 199 -10.15 29.12 13.40
N ASN B 200 -10.94 28.15 13.82
CA ASN B 200 -11.04 27.76 15.24
C ASN B 200 -9.99 26.84 15.75
N ALA B 201 -9.23 26.19 14.86
CA ALA B 201 -8.22 25.22 15.30
C ALA B 201 -7.14 25.93 16.06
N ASP B 202 -6.59 25.36 17.13
CA ASP B 202 -5.29 25.87 17.57
C ASP B 202 -4.05 25.14 17.02
N LEU B 203 -4.25 24.01 16.31
CA LEU B 203 -3.17 23.29 15.61
C LEU B 203 -3.72 22.83 14.29
N SER B 204 -3.09 23.24 13.20
CA SER B 204 -3.43 22.67 11.90
C SER B 204 -2.20 21.84 11.49
N ILE B 205 -2.41 20.61 11.01
CA ILE B 205 -1.33 19.69 10.59
C ILE B 205 -1.63 19.30 9.13
N THR B 206 -0.71 19.56 8.21
CA THR B 206 -0.85 19.18 6.80
C THR B 206 -0.05 17.89 6.52
N LEU B 207 -0.65 17.02 5.71
CA LEU B 207 -0.11 15.70 5.40
C LEU B 207 -0.12 15.49 3.96
N GLY B 208 1.08 15.36 3.37
CA GLY B 208 1.13 15.02 1.92
C GLY B 208 0.39 15.90 0.95
N THR B 209 0.41 17.23 1.20
CA THR B 209 -0.05 18.26 0.30
C THR B 209 1.06 19.35 0.07
N SER B 210 1.26 19.74 -1.17
CA SER B 210 2.22 20.85 -1.47
C SER B 210 1.56 22.25 -1.21
N LEU B 211 0.25 22.26 -0.91
CA LEU B 211 -0.52 23.51 -0.51
C LEU B 211 -0.52 24.55 -1.64
N GLN B 212 -0.47 24.05 -2.87
CA GLN B 212 -0.35 24.90 -4.03
C GLN B 212 -1.67 25.41 -4.59
N ILE B 213 -2.80 24.78 -4.21
CA ILE B 213 -4.09 25.12 -4.75
C ILE B 213 -4.87 26.04 -3.79
N ARG B 214 -5.48 27.12 -4.32
CA ARG B 214 -6.29 28.07 -3.57
C ARG B 214 -7.74 27.77 -3.82
N PRO B 215 -8.57 27.78 -2.80
CA PRO B 215 -8.26 28.20 -1.47
C PRO B 215 -7.78 27.07 -0.56
N SER B 216 -7.94 25.83 -0.99
CA SER B 216 -7.63 24.65 -0.19
C SER B 216 -6.33 24.75 0.57
N GLY B 217 -5.25 25.04 -0.17
CA GLY B 217 -3.86 25.20 0.28
C GLY B 217 -3.70 26.33 1.27
N ASN B 218 -4.61 27.30 1.28
CA ASN B 218 -4.48 28.37 2.28
C ASN B 218 -5.31 28.17 3.56
N LEU B 219 -6.30 27.27 3.57
CA LEU B 219 -7.03 26.93 4.82
C LEU B 219 -6.13 26.76 6.04
N PRO B 220 -4.97 26.02 5.92
CA PRO B 220 -4.15 25.87 7.13
C PRO B 220 -3.63 27.19 7.70
N LEU B 221 -3.33 28.12 6.82
CA LEU B 221 -2.81 29.42 7.29
C LEU B 221 -3.84 30.17 8.16
N ALA B 222 -5.12 29.93 7.90
CA ALA B 222 -6.17 30.55 8.73
C ALA B 222 -5.99 30.27 10.23
N THR B 223 -5.48 29.08 10.54
CA THR B 223 -5.12 28.71 11.90
C THR B 223 -4.06 29.63 12.51
N LYS B 224 -3.11 30.09 11.71
CA LYS B 224 -2.15 31.09 12.25
C LYS B 224 -2.81 32.37 12.89
N ARG B 225 -4.01 32.73 12.44
CA ARG B 225 -4.68 34.00 12.71
C ARG B 225 -4.86 34.38 14.16
N ARG B 226 -5.35 33.49 15.00
CA ARG B 226 -5.51 33.85 16.43
C ARG B 226 -4.42 33.12 17.17
N GLY B 227 -3.26 33.01 16.52
CA GLY B 227 -2.11 32.42 17.19
C GLY B 227 -2.09 30.92 17.27
N GLY B 228 -2.85 30.24 16.39
CA GLY B 228 -2.71 28.78 16.27
C GLY B 228 -1.35 28.40 15.72
N ARG B 229 -1.00 27.13 15.90
CA ARG B 229 0.25 26.59 15.40
C ARG B 229 -0.06 25.86 14.10
N LEU B 230 1.01 25.69 13.30
CA LEU B 230 0.95 25.09 11.99
C LEU B 230 2.14 24.10 11.82
N VAL B 231 1.78 22.84 11.49
CA VAL B 231 2.77 21.79 11.17
C VAL B 231 2.54 21.34 9.75
N ILE B 232 3.65 21.24 8.98
CA ILE B 232 3.60 20.73 7.63
C ILE B 232 4.45 19.41 7.55
N VAL B 233 3.79 18.33 7.12
CA VAL B 233 4.45 17.04 6.92
C VAL B 233 4.39 16.77 5.46
N ASN B 234 5.57 16.71 4.85
CA ASN B 234 5.66 16.62 3.41
C ASN B 234 7.13 16.29 3.00
N LEU B 235 7.28 15.54 1.93
CA LEU B 235 8.60 15.22 1.37
C LEU B 235 9.24 16.38 0.54
N GLN B 236 8.45 17.06 -0.27
CA GLN B 236 8.89 18.23 -1.00
C GLN B 236 8.67 19.50 -0.19
N PRO B 237 9.28 20.62 -0.64
CA PRO B 237 8.76 21.92 -0.20
C PRO B 237 7.31 22.21 -0.56
N THR B 238 6.70 23.01 0.30
CA THR B 238 5.35 23.47 0.13
C THR B 238 5.30 25.00 0.01
N LYS B 239 4.31 25.49 -0.72
CA LYS B 239 4.07 26.95 -0.79
C LYS B 239 4.21 27.63 0.54
N HIS B 240 3.77 27.03 1.68
CA HIS B 240 3.73 27.78 2.93
C HIS B 240 4.77 27.43 3.95
N ASP B 241 5.89 26.84 3.53
CA ASP B 241 6.90 26.45 4.50
C ASP B 241 7.30 27.51 5.54
N ARG B 242 7.49 28.73 5.05
CA ARG B 242 7.86 29.89 5.85
C ARG B 242 6.91 30.12 7.02
N HIS B 243 5.61 29.89 6.86
CA HIS B 243 4.63 30.11 7.97
C HIS B 243 4.49 28.98 9.02
N ALA B 244 5.12 27.83 8.81
CA ALA B 244 4.94 26.68 9.75
C ALA B 244 5.82 26.79 10.95
N ASP B 245 5.28 26.42 12.09
CA ASP B 245 6.09 26.26 13.29
C ASP B 245 6.99 25.04 13.32
N LEU B 246 6.66 24.01 12.51
CA LEU B 246 7.40 22.72 12.44
C LEU B 246 7.22 22.11 11.01
N ARG B 247 8.31 21.71 10.34
CA ARG B 247 8.23 21.17 9.00
C ARG B 247 8.90 19.82 9.22
N ILE B 248 8.27 18.76 8.75
CA ILE B 248 8.75 17.39 8.99
C ILE B 248 8.85 16.74 7.63
N HIS B 249 10.06 16.45 7.18
CA HIS B 249 10.35 15.95 5.88
C HIS B 249 10.60 14.45 5.98
N GLY B 250 9.56 13.68 5.69
CA GLY B 250 9.65 12.22 5.82
C GLY B 250 8.39 11.59 5.28
N TYR B 251 8.38 10.26 5.21
CA TYR B 251 7.18 9.56 4.78
C TYR B 251 6.09 9.74 5.79
N VAL B 252 4.90 10.15 5.36
CA VAL B 252 3.80 10.33 6.33
C VAL B 252 3.46 9.08 7.14
N ASP B 253 3.41 7.89 6.51
CA ASP B 253 3.22 6.68 7.30
C ASP B 253 4.23 6.56 8.43
N GLU B 254 5.51 6.92 8.20
CA GLU B 254 6.52 6.79 9.26
C GLU B 254 6.20 7.75 10.38
N VAL B 255 5.98 8.99 9.98
CA VAL B 255 5.66 10.10 10.94
C VAL B 255 4.43 9.74 11.76
N MET B 256 3.39 9.27 11.09
CA MET B 256 2.11 8.99 11.83
C MET B 256 2.24 7.73 12.70
N THR B 257 2.93 6.71 12.24
CA THR B 257 3.14 5.52 13.09
C THR B 257 3.93 5.87 14.33
N ARG B 258 4.96 6.69 14.15
CA ARG B 258 5.70 7.14 15.35
C ARG B 258 4.91 8.03 16.27
N LEU B 259 4.09 8.89 15.67
CA LEU B 259 3.30 9.78 16.47
C LEU B 259 2.32 8.95 17.28
N MET B 260 1.65 7.99 16.64
CA MET B 260 0.71 7.16 17.40
C MET B 260 1.36 6.33 18.53
N LYS B 261 2.61 5.88 18.33
CA LYS B 261 3.33 5.22 19.42
C LYS B 261 3.52 6.18 20.60
N HIS B 262 3.97 7.39 20.32
CA HIS B 262 4.11 8.39 21.39
C HIS B 262 2.77 8.71 22.04
N LEU B 263 1.71 8.71 21.27
CA LEU B 263 0.42 9.00 21.90
C LEU B 263 -0.13 7.79 22.62
N GLY B 264 0.46 6.59 22.45
CA GLY B 264 -0.09 5.42 23.13
C GLY B 264 -1.31 4.84 22.47
N LEU B 265 -1.46 5.06 21.17
CA LEU B 265 -2.66 4.66 20.46
C LEU B 265 -2.26 3.62 19.43
N GLU B 266 -3.14 2.66 19.24
CA GLU B 266 -3.00 1.65 18.23
C GLU B 266 -3.61 2.14 16.91
N ILE B 267 -3.08 1.72 15.81
CA ILE B 267 -3.70 1.92 14.51
C ILE B 267 -4.69 0.77 14.25
N PRO B 268 -5.98 1.07 14.11
CA PRO B 268 -7.07 0.02 14.01
C PRO B 268 -7.05 -0.62 12.69
N ALA B 269 -7.53 -1.85 12.68
CA ALA B 269 -7.62 -2.68 11.51
C ALA B 269 -8.76 -2.13 10.61
N TRP B 270 -8.55 -2.19 9.32
CA TRP B 270 -9.57 -1.83 8.34
C TRP B 270 -10.41 -3.05 8.07
N ASP B 271 -11.73 -2.89 8.20
CA ASP B 271 -12.74 -3.93 7.98
C ASP B 271 -13.18 -4.08 6.53
N GLY B 272 -12.50 -3.45 5.55
CA GLY B 272 -13.03 -3.34 4.18
C GLY B 272 -13.86 -2.04 4.04
N PRO B 273 -14.38 -1.75 2.85
CA PRO B 273 -15.07 -0.46 2.59
C PRO B 273 -16.29 -0.31 3.45
N ARG B 274 -16.36 0.75 4.25
CA ARG B 274 -17.47 1.03 5.16
C ARG B 274 -17.76 2.52 5.20
N VAL B 275 -19.02 2.92 5.29
CA VAL B 275 -19.41 4.35 5.31
C VAL B 275 -20.07 4.66 6.62
N LEU B 276 -19.59 5.70 7.32
CA LEU B 276 -20.05 6.13 8.61
C LEU B 276 -20.47 7.55 8.41
N GLU B 277 -21.76 7.85 8.52
CA GLU B 277 -22.26 9.23 8.34
C GLU B 277 -21.89 10.13 9.47
N ARG B 278 -22.02 9.64 10.70
CA ARG B 278 -21.88 10.48 11.85
C ARG B 278 -20.88 9.91 12.87
N ALA B 279 -20.09 10.82 13.40
CA ALA B 279 -19.08 10.55 14.39
C ALA B 279 -19.82 10.02 15.63
N LEU B 280 -19.26 8.97 16.20
CA LEU B 280 -19.82 8.35 17.43
C LEU B 280 -19.24 9.12 18.57
N PRO B 281 -19.81 8.93 19.77
CA PRO B 281 -19.14 9.59 20.87
C PRO B 281 -17.69 9.00 21.14
N PRO B 282 -16.78 9.82 21.63
CA PRO B 282 -15.33 9.57 21.82
C PRO B 282 -14.98 8.42 22.75
N LEU B 283 -13.96 7.63 22.36
CA LEU B 283 -13.58 6.45 23.15
C LEU B 283 -12.59 6.92 24.18
N PRO B 284 -12.26 6.10 25.18
CA PRO B 284 -11.30 6.46 26.18
C PRO B 284 -9.95 6.67 25.53
N ARG B 285 -9.15 7.57 26.08
CA ARG B 285 -7.78 7.72 25.58
C ARG B 285 -6.76 7.71 26.69
N PRO B 286 -5.48 7.51 26.37
CA PRO B 286 -4.53 7.53 27.47
C PRO B 286 -4.44 8.85 28.24
N PRO B 287 -4.02 8.76 29.50
CA PRO B 287 -3.76 10.04 30.15
C PRO B 287 -2.57 10.74 29.53
N THR B 288 -2.52 12.04 29.70
CA THR B 288 -1.54 12.93 28.97
C THR B 288 -0.24 13.10 29.80
N PRO B 289 0.94 13.14 29.17
CA PRO B 289 2.17 13.46 29.94
C PRO B 289 2.21 14.87 30.50
N LYS B 290 3.05 15.12 31.48
CA LYS B 290 3.18 16.50 32.05
C LYS B 290 3.73 17.56 31.05
#